data_5YNL
#
_entry.id   5YNL
#
_cell.length_a   91.193
_cell.length_b   91.193
_cell.length_c   107.779
_cell.angle_alpha   90
_cell.angle_beta   90
_cell.angle_gamma   120
#
_symmetry.space_group_name_H-M   'H 3'
#
loop_
_entity.id
_entity.type
_entity.pdbx_description
1 polymer Arginase
2 water water
#
_entity_poly.entity_id   1
_entity_poly.type   'polypeptide(L)'
_entity_poly.pdbx_seq_one_letter_code
;MHHHHHHSSGLVPRGSGMKETAAAKFERQHMDSPDLGTDDDDKMSPATSPFLATPRTAGIVGCPFSGGQPKAGVDTGPLQ
LIESGLLNDIENLGWTVDFAGADALAVSIVSDTPDPDIGRLKQPRLVSRVTKDVADRVYAHASKGQLTVTLGGDHSLAMG
TVSGTFKAYPEACLIWVDAHADINTPHTTESGNLHGCPVSFLLGLDGTSSEEIPEFSWIKPCLKPERIVYIGLRDIDAGE
RKILKDNNIKCFSMFHVDKYGIGKVVEMALDHVNPDRTRPIHLSFDVDALDPSVAPSTGTAVRGGLTFREGHYICEAIAE
TNLLVSLDIMEINPSLGALASVAQTVDVGRSLVRCALGETLL
;
_entity_poly.pdbx_strand_id   A
#
# COMPACT_ATOMS: atom_id res chain seq x y z
N MET A 44 21.12 11.27 5.80
CA MET A 44 20.95 11.15 4.33
C MET A 44 20.98 9.68 3.94
N SER A 45 20.24 9.36 2.87
CA SER A 45 19.93 8.03 2.35
C SER A 45 21.16 7.30 1.78
N PRO A 46 21.20 5.93 1.80
CA PRO A 46 22.31 5.17 1.21
C PRO A 46 22.38 5.23 -0.31
N ALA A 47 23.61 5.23 -0.87
CA ALA A 47 23.91 5.40 -2.29
C ALA A 47 23.40 4.21 -3.10
N THR A 48 23.21 3.08 -2.38
CA THR A 48 22.62 1.86 -2.88
C THR A 48 21.64 1.25 -1.86
N SER A 49 20.79 0.32 -2.30
CA SER A 49 19.81 -0.35 -1.46
C SER A 49 20.52 -1.28 -0.49
N PRO A 50 20.36 -1.13 0.87
CA PRO A 50 20.94 -2.09 1.82
C PRO A 50 20.16 -3.40 1.93
N PHE A 51 19.00 -3.49 1.28
CA PHE A 51 17.99 -4.51 1.57
C PHE A 51 17.92 -5.56 0.45
N LEU A 52 17.97 -5.12 -0.82
CA LEU A 52 17.53 -5.96 -1.94
C LEU A 52 18.66 -6.89 -2.41
N ALA A 53 18.26 -7.98 -3.09
CA ALA A 53 19.18 -9.01 -3.59
C ALA A 53 19.93 -8.52 -4.83
N THR A 54 21.17 -9.02 -4.92
CA THR A 54 22.28 -8.50 -5.67
C THR A 54 22.11 -8.67 -7.19
N PRO A 55 21.36 -9.68 -7.74
CA PRO A 55 20.53 -9.44 -8.94
C PRO A 55 19.13 -8.84 -8.66
N ARG A 56 18.97 -7.54 -8.98
N ARG A 56 18.97 -7.54 -8.97
CA ARG A 56 17.80 -6.73 -8.68
CA ARG A 56 17.79 -6.71 -8.64
C ARG A 56 16.54 -7.35 -9.30
C ARG A 56 16.53 -7.30 -9.28
N THR A 57 15.57 -7.67 -8.43
CA THR A 57 14.45 -8.50 -8.88
C THR A 57 13.18 -7.91 -8.33
N ALA A 58 12.24 -7.65 -9.25
CA ALA A 58 10.90 -7.16 -8.98
C ALA A 58 9.95 -8.35 -8.96
N GLY A 59 9.27 -8.48 -7.82
CA GLY A 59 8.22 -9.48 -7.66
C GLY A 59 6.85 -8.85 -7.89
N ILE A 60 5.98 -9.56 -8.65
CA ILE A 60 4.65 -9.06 -8.97
C ILE A 60 3.60 -9.96 -8.32
N VAL A 61 2.75 -9.33 -7.50
CA VAL A 61 1.54 -9.93 -6.95
C VAL A 61 0.35 -9.12 -7.48
N GLY A 62 -0.38 -9.72 -8.44
CA GLY A 62 -1.65 -9.19 -8.89
C GLY A 62 -2.79 -9.79 -8.09
N CYS A 63 -3.71 -8.94 -7.61
CA CYS A 63 -4.93 -9.40 -6.97
C CYS A 63 -6.16 -8.61 -7.45
N PRO A 64 -6.97 -9.17 -8.36
CA PRO A 64 -8.24 -8.58 -8.71
C PRO A 64 -9.30 -8.93 -7.67
N PHE A 65 -9.73 -7.91 -6.90
CA PHE A 65 -10.65 -8.05 -5.78
C PHE A 65 -11.19 -6.69 -5.36
N SER A 66 -12.52 -6.58 -5.25
CA SER A 66 -13.24 -5.42 -4.73
C SER A 66 -14.40 -5.84 -3.80
N GLY A 67 -14.11 -5.95 -2.50
CA GLY A 67 -15.09 -6.41 -1.52
C GLY A 67 -14.77 -5.95 -0.10
N ASP A 75 -10.52 -5.19 -9.21
CA ASP A 75 -10.50 -4.56 -10.56
C ASP A 75 -9.92 -5.55 -11.58
N THR A 76 -10.19 -5.33 -12.88
CA THR A 76 -9.38 -5.93 -13.94
C THR A 76 -8.22 -5.00 -14.34
N GLY A 77 -7.99 -3.94 -13.54
CA GLY A 77 -6.89 -3.00 -13.73
C GLY A 77 -5.52 -3.66 -13.47
N PRO A 78 -5.34 -4.55 -12.46
CA PRO A 78 -4.15 -5.38 -12.34
C PRO A 78 -3.74 -6.09 -13.64
N LEU A 79 -4.71 -6.79 -14.24
CA LEU A 79 -4.58 -7.57 -15.46
C LEU A 79 -4.28 -6.65 -16.63
N GLN A 80 -4.91 -5.47 -16.69
CA GLN A 80 -4.74 -4.55 -17.81
C GLN A 80 -3.35 -3.93 -17.77
N LEU A 81 -2.88 -3.64 -16.56
CA LEU A 81 -1.57 -3.05 -16.33
C LEU A 81 -0.52 -3.97 -16.93
N ILE A 82 -0.69 -5.26 -16.66
CA ILE A 82 0.21 -6.32 -17.02
C ILE A 82 0.25 -6.41 -18.55
N GLU A 83 -0.95 -6.33 -19.15
CA GLU A 83 -1.15 -6.42 -20.59
C GLU A 83 -0.50 -5.23 -21.28
N SER A 84 -0.45 -4.08 -20.62
CA SER A 84 0.00 -2.81 -21.20
C SER A 84 1.52 -2.69 -21.29
N GLY A 85 2.27 -3.65 -20.74
CA GLY A 85 3.71 -3.72 -20.94
C GLY A 85 4.50 -3.28 -19.72
N LEU A 86 3.91 -3.40 -18.52
CA LEU A 86 4.57 -3.11 -17.27
C LEU A 86 5.85 -3.95 -17.10
N LEU A 87 5.75 -5.24 -17.52
CA LEU A 87 6.77 -6.25 -17.38
C LEU A 87 8.02 -5.81 -18.15
N ASN A 88 7.83 -5.47 -19.43
CA ASN A 88 8.83 -4.96 -20.36
C ASN A 88 9.42 -3.62 -19.88
N ASP A 89 8.62 -2.80 -19.17
CA ASP A 89 9.08 -1.52 -18.69
C ASP A 89 10.05 -1.72 -17.52
N ILE A 90 9.74 -2.69 -16.67
CA ILE A 90 10.53 -3.06 -15.52
C ILE A 90 11.86 -3.68 -16.01
N GLU A 91 11.80 -4.49 -17.06
CA GLU A 91 12.94 -5.10 -17.74
C GLU A 91 13.86 -4.03 -18.37
N ASN A 92 13.27 -3.06 -19.05
CA ASN A 92 13.95 -1.90 -19.62
C ASN A 92 14.80 -1.16 -18.58
N LEU A 93 14.41 -1.25 -17.30
CA LEU A 93 14.95 -0.48 -16.19
C LEU A 93 16.01 -1.24 -15.37
N GLY A 94 16.53 -2.35 -15.93
CA GLY A 94 17.55 -3.15 -15.27
C GLY A 94 17.00 -4.35 -14.48
N TRP A 95 15.71 -4.33 -14.09
CA TRP A 95 15.16 -5.33 -13.17
C TRP A 95 14.86 -6.68 -13.80
N THR A 96 14.99 -7.77 -13.00
CA THR A 96 14.51 -9.13 -13.32
C THR A 96 13.12 -9.33 -12.71
N VAL A 97 12.25 -10.04 -13.46
CA VAL A 97 10.83 -10.18 -13.15
C VAL A 97 10.52 -11.60 -12.66
N ASP A 98 10.02 -11.65 -11.43
CA ASP A 98 9.40 -12.84 -10.88
C ASP A 98 7.93 -12.51 -10.81
N PHE A 99 7.19 -13.11 -11.75
CA PHE A 99 5.74 -13.10 -11.84
C PHE A 99 5.26 -14.46 -12.33
N ALA A 100 4.18 -14.96 -11.67
CA ALA A 100 3.66 -16.31 -11.80
C ALA A 100 2.67 -16.45 -12.96
N GLY A 101 2.53 -15.40 -13.79
CA GLY A 101 1.75 -15.48 -15.02
C GLY A 101 0.37 -14.84 -14.84
N ALA A 102 -0.19 -14.39 -15.97
CA ALA A 102 -1.40 -13.59 -16.01
C ALA A 102 -2.63 -14.46 -15.74
N ASP A 103 -2.48 -15.79 -15.86
CA ASP A 103 -3.48 -16.76 -15.42
C ASP A 103 -3.57 -16.82 -13.90
N ALA A 104 -2.44 -16.56 -13.21
CA ALA A 104 -2.35 -16.63 -11.74
C ALA A 104 -2.54 -15.24 -11.13
N LEU A 105 -3.81 -14.88 -10.90
CA LEU A 105 -4.28 -13.63 -10.32
C LEU A 105 -5.63 -13.85 -9.65
N ALA A 106 -6.65 -14.24 -10.45
CA ALA A 106 -8.04 -14.48 -10.07
C ALA A 106 -8.32 -15.98 -10.10
N ASP A 112 -16.58 -22.95 -1.13
CA ASP A 112 -17.83 -23.72 -1.44
C ASP A 112 -18.87 -23.47 -0.34
N THR A 113 -18.57 -22.50 0.54
CA THR A 113 -19.28 -22.28 1.79
C THR A 113 -19.73 -20.82 1.89
N PRO A 114 -20.97 -20.53 2.35
CA PRO A 114 -21.34 -19.21 2.85
C PRO A 114 -20.50 -18.76 4.04
N ASP A 115 -20.25 -17.45 4.11
CA ASP A 115 -19.51 -16.84 5.22
C ASP A 115 -20.28 -15.60 5.69
N PRO A 116 -21.30 -15.79 6.60
CA PRO A 116 -22.11 -14.69 7.12
C PRO A 116 -21.34 -13.58 7.83
N ASP A 117 -22.09 -12.51 8.16
CA ASP A 117 -21.61 -11.33 8.87
C ASP A 117 -21.36 -11.69 10.32
N ILE A 118 -20.06 -11.78 10.64
CA ILE A 118 -19.52 -11.46 11.96
C ILE A 118 -19.70 -9.95 12.15
N GLY A 119 -20.22 -9.54 13.33
CA GLY A 119 -20.36 -8.16 13.76
C GLY A 119 -21.00 -7.28 12.70
N ARG A 120 -20.29 -6.20 12.31
CA ARG A 120 -20.61 -5.36 11.18
C ARG A 120 -19.53 -5.54 10.11
N LEU A 121 -19.23 -6.81 9.80
CA LEU A 121 -18.19 -7.17 8.85
C LEU A 121 -18.82 -7.92 7.67
N LYS A 122 -18.43 -7.52 6.45
CA LYS A 122 -19.11 -7.92 5.23
C LYS A 122 -18.16 -8.72 4.33
N GLN A 123 -18.61 -9.94 3.99
CA GLN A 123 -17.87 -10.99 3.29
C GLN A 123 -16.56 -11.31 4.03
N PRO A 124 -16.57 -11.60 5.37
CA PRO A 124 -15.37 -11.50 6.20
C PRO A 124 -14.29 -12.56 5.98
N ARG A 125 -14.71 -13.84 5.89
CA ARG A 125 -13.84 -15.01 5.77
C ARG A 125 -13.30 -15.15 4.34
N LEU A 126 -14.01 -14.55 3.37
CA LEU A 126 -13.57 -14.39 2.00
C LEU A 126 -12.51 -13.31 1.95
N VAL A 127 -12.76 -12.20 2.68
CA VAL A 127 -11.82 -11.11 2.80
C VAL A 127 -10.53 -11.63 3.45
N SER A 128 -10.68 -12.52 4.46
CA SER A 128 -9.56 -13.14 5.17
C SER A 128 -8.74 -14.05 4.26
N ARG A 129 -9.44 -14.93 3.50
CA ARG A 129 -8.86 -15.88 2.55
C ARG A 129 -7.92 -15.14 1.59
N VAL A 130 -8.47 -14.18 0.84
CA VAL A 130 -7.79 -13.42 -0.20
C VAL A 130 -6.53 -12.74 0.35
N THR A 131 -6.65 -12.09 1.52
CA THR A 131 -5.58 -11.27 2.07
C THR A 131 -4.46 -12.14 2.62
N LYS A 132 -4.84 -13.31 3.18
CA LYS A 132 -3.90 -14.32 3.64
C LYS A 132 -3.06 -14.73 2.43
N ASP A 133 -3.74 -15.05 1.32
CA ASP A 133 -3.11 -15.42 0.05
C ASP A 133 -2.10 -14.35 -0.37
N VAL A 134 -2.44 -13.08 -0.11
CA VAL A 134 -1.65 -11.94 -0.50
C VAL A 134 -0.43 -11.86 0.41
N ALA A 135 -0.63 -11.82 1.74
CA ALA A 135 0.47 -11.94 2.72
C ALA A 135 1.51 -12.97 2.30
N ASP A 136 1.02 -14.13 1.82
CA ASP A 136 1.80 -15.30 1.44
C ASP A 136 2.71 -14.98 0.25
N ARG A 137 2.12 -14.47 -0.84
CA ARG A 137 2.82 -14.31 -2.10
C ARG A 137 3.87 -13.20 -1.97
N VAL A 138 3.55 -12.21 -1.13
CA VAL A 138 4.33 -11.02 -0.87
C VAL A 138 5.53 -11.41 0.00
N TYR A 139 5.25 -12.19 1.04
CA TYR A 139 6.29 -12.75 1.91
C TYR A 139 7.33 -13.51 1.09
N ALA A 140 6.86 -14.41 0.20
CA ALA A 140 7.67 -15.23 -0.69
C ALA A 140 8.63 -14.38 -1.51
N HIS A 141 8.13 -13.30 -2.15
CA HIS A 141 8.95 -12.34 -2.89
C HIS A 141 9.91 -11.58 -1.98
N ALA A 142 9.39 -11.02 -0.88
CA ALA A 142 10.15 -10.26 0.10
C ALA A 142 11.23 -11.12 0.80
N SER A 143 10.92 -12.39 1.08
CA SER A 143 11.93 -13.25 1.70
C SER A 143 13.09 -13.58 0.77
N LYS A 144 13.10 -13.03 -0.47
CA LYS A 144 14.10 -13.34 -1.49
C LYS A 144 14.91 -12.11 -1.93
N GLY A 145 14.68 -10.94 -1.31
CA GLY A 145 15.38 -9.70 -1.67
C GLY A 145 14.81 -9.04 -2.93
N GLN A 146 13.53 -9.36 -3.18
CA GLN A 146 12.78 -8.75 -4.27
C GLN A 146 12.14 -7.46 -3.77
N LEU A 147 11.94 -6.51 -4.70
CA LEU A 147 11.04 -5.41 -4.43
C LEU A 147 9.66 -5.89 -4.86
N THR A 148 8.74 -6.10 -3.90
CA THR A 148 7.43 -6.66 -4.19
C THR A 148 6.47 -5.54 -4.60
N VAL A 149 6.04 -5.59 -5.87
CA VAL A 149 5.01 -4.74 -6.44
C VAL A 149 3.68 -5.49 -6.34
N THR A 150 2.76 -4.96 -5.51
CA THR A 150 1.40 -5.47 -5.44
C THR A 150 0.48 -4.58 -6.26
N LEU A 151 -0.29 -5.23 -7.13
CA LEU A 151 -1.22 -4.62 -8.03
C LEU A 151 -2.60 -5.05 -7.58
N GLY A 152 -3.41 -4.05 -7.18
CA GLY A 152 -4.68 -4.39 -6.57
C GLY A 152 -5.88 -3.73 -7.23
N GLY A 153 -7.01 -4.38 -6.91
CA GLY A 153 -8.17 -3.78 -6.31
C GLY A 153 -7.87 -3.13 -4.95
N ASP A 154 -8.66 -3.57 -3.96
CA ASP A 154 -9.04 -2.78 -2.80
C ASP A 154 -7.83 -2.50 -1.93
N HIS A 155 -7.81 -1.33 -1.30
CA HIS A 155 -6.72 -1.00 -0.39
C HIS A 155 -6.75 -1.90 0.85
N SER A 156 -7.86 -2.62 1.07
CA SER A 156 -7.93 -3.61 2.14
C SER A 156 -6.92 -4.75 1.94
N LEU A 157 -6.41 -4.92 0.70
CA LEU A 157 -5.38 -5.92 0.38
C LEU A 157 -4.03 -5.58 1.03
N ALA A 158 -3.86 -4.32 1.51
CA ALA A 158 -2.67 -3.96 2.26
C ALA A 158 -2.55 -4.68 3.62
N MET A 159 -3.66 -5.21 4.15
CA MET A 159 -3.59 -6.20 5.22
C MET A 159 -2.61 -7.32 4.85
N GLY A 160 -2.75 -7.86 3.63
CA GLY A 160 -1.84 -8.85 3.09
C GLY A 160 -0.44 -8.28 2.82
N THR A 161 -0.36 -7.13 2.12
CA THR A 161 0.90 -6.62 1.59
C THR A 161 1.81 -6.22 2.72
N VAL A 162 1.22 -5.55 3.72
CA VAL A 162 1.95 -5.05 4.88
C VAL A 162 2.40 -6.26 5.74
N SER A 163 1.55 -7.30 5.87
CA SER A 163 1.90 -8.47 6.68
C SER A 163 3.14 -9.18 6.15
N GLY A 164 3.17 -9.40 4.83
CA GLY A 164 4.27 -10.10 4.17
C GLY A 164 5.57 -9.30 4.22
N THR A 165 5.44 -7.97 4.07
CA THR A 165 6.54 -7.01 4.04
C THR A 165 7.10 -6.90 5.46
N PHE A 166 6.20 -6.83 6.43
CA PHE A 166 6.63 -6.60 7.79
C PHE A 166 7.14 -7.88 8.42
N LYS A 167 6.79 -9.04 7.84
CA LYS A 167 7.33 -10.33 8.22
C LYS A 167 8.83 -10.38 7.88
N ALA A 168 9.19 -10.06 6.63
CA ALA A 168 10.56 -9.91 6.15
C ALA A 168 11.28 -8.70 6.77
N TYR A 169 10.57 -7.57 6.93
CA TYR A 169 11.17 -6.34 7.43
C TYR A 169 10.35 -5.83 8.61
N PRO A 170 10.55 -6.38 9.85
CA PRO A 170 9.86 -5.87 11.04
C PRO A 170 10.24 -4.44 11.39
N GLU A 171 11.40 -3.98 10.86
CA GLU A 171 11.80 -2.59 11.04
C GLU A 171 11.35 -1.69 9.87
N ALA A 172 10.40 -2.12 9.04
CA ALA A 172 9.97 -1.26 7.95
C ALA A 172 9.12 -0.09 8.45
N CYS A 173 8.93 0.94 7.60
CA CYS A 173 7.90 1.96 7.84
C CYS A 173 6.87 1.94 6.71
N LEU A 174 5.72 2.59 6.93
CA LEU A 174 4.64 2.48 5.97
C LEU A 174 4.17 3.88 5.54
N ILE A 175 4.21 4.10 4.22
CA ILE A 175 3.70 5.36 3.68
C ILE A 175 2.43 5.04 2.94
N TRP A 176 1.35 5.66 3.41
CA TRP A 176 0.07 5.25 2.89
C TRP A 176 -0.53 6.47 2.14
N VAL A 177 -0.73 6.25 0.84
CA VAL A 177 -1.23 7.25 -0.08
C VAL A 177 -2.64 6.86 -0.49
N ASP A 178 -3.62 7.67 -0.02
CA ASP A 178 -5.04 7.39 -0.16
C ASP A 178 -5.78 8.64 0.31
N ALA A 179 -6.99 8.84 -0.24
CA ALA A 179 -7.97 9.82 0.18
C ALA A 179 -8.52 9.48 1.58
N HIS A 180 -8.51 8.16 1.89
CA HIS A 180 -9.14 7.58 3.07
C HIS A 180 -8.12 6.90 3.97
N ALA A 181 -8.39 6.93 5.28
CA ALA A 181 -7.50 6.42 6.30
C ALA A 181 -7.66 4.91 6.54
N ASP A 182 -8.83 4.32 6.24
CA ASP A 182 -9.06 2.87 6.32
C ASP A 182 -8.66 2.33 7.71
N ILE A 183 -8.99 3.10 8.75
CA ILE A 183 -8.49 2.89 10.10
C ILE A 183 -9.61 2.40 11.03
N ASN A 184 -10.84 2.23 10.51
CA ASN A 184 -11.97 1.73 11.30
C ASN A 184 -11.69 0.33 11.86
N THR A 185 -11.99 0.18 13.15
CA THR A 185 -12.11 -1.11 13.81
C THR A 185 -13.43 -1.74 13.40
N PRO A 186 -13.61 -3.08 13.50
CA PRO A 186 -14.92 -3.72 13.33
C PRO A 186 -16.06 -3.14 14.17
N HIS A 187 -15.72 -2.56 15.34
CA HIS A 187 -16.67 -1.87 16.20
C HIS A 187 -17.08 -0.54 15.56
N THR A 188 -16.10 0.27 15.11
CA THR A 188 -16.36 1.68 14.78
C THR A 188 -16.81 1.91 13.33
N THR A 189 -16.88 0.83 12.51
CA THR A 189 -17.41 0.92 11.15
C THR A 189 -18.91 1.22 11.19
N GLU A 190 -19.37 1.98 10.17
CA GLU A 190 -20.80 2.19 9.95
C GLU A 190 -21.26 1.34 8.76
N SER A 191 -20.45 1.34 7.68
CA SER A 191 -20.79 0.74 6.39
C SER A 191 -20.86 -0.78 6.50
N GLY A 192 -19.72 -1.43 6.79
CA GLY A 192 -19.60 -2.88 6.78
C GLY A 192 -18.36 -3.39 6.04
N ASN A 193 -18.10 -2.82 4.85
CA ASN A 193 -17.00 -3.22 3.96
C ASN A 193 -15.66 -3.18 4.70
N LEU A 194 -15.00 -4.35 4.78
CA LEU A 194 -13.73 -4.51 5.50
C LEU A 194 -12.65 -3.66 4.85
N HIS A 195 -13.10 -2.79 3.93
CA HIS A 195 -12.40 -1.90 3.01
C HIS A 195 -11.87 -0.65 3.71
N GLY A 196 -12.61 -0.17 4.73
CA GLY A 196 -12.20 0.93 5.59
C GLY A 196 -11.63 0.44 6.92
N CYS A 197 -11.10 -0.79 6.94
CA CYS A 197 -10.66 -1.48 8.15
C CYS A 197 -9.16 -1.85 8.18
N PRO A 198 -8.42 -1.97 7.06
CA PRO A 198 -7.10 -2.63 7.07
C PRO A 198 -6.09 -2.20 8.14
N VAL A 199 -6.01 -0.90 8.43
CA VAL A 199 -4.95 -0.40 9.29
C VAL A 199 -5.21 -0.74 10.76
N SER A 200 -6.51 -0.89 11.10
CA SER A 200 -6.98 -1.25 12.44
C SER A 200 -6.53 -2.65 12.85
N PHE A 201 -6.46 -3.59 11.89
CA PHE A 201 -5.95 -4.92 12.13
C PHE A 201 -4.44 -4.85 12.26
N LEU A 202 -3.77 -4.12 11.36
CA LEU A 202 -2.30 -4.03 11.35
C LEU A 202 -1.72 -3.44 12.66
N LEU A 203 -2.48 -2.48 13.23
CA LEU A 203 -2.16 -1.79 14.47
C LEU A 203 -2.57 -2.66 15.65
N GLY A 204 -3.45 -3.63 15.39
CA GLY A 204 -4.03 -4.49 16.41
C GLY A 204 -4.78 -3.68 17.46
N LEU A 205 -5.64 -2.79 16.97
CA LEU A 205 -6.64 -2.07 17.75
C LEU A 205 -7.69 -3.00 18.35
N ASP A 206 -8.51 -2.41 19.23
CA ASP A 206 -9.61 -3.09 19.90
C ASP A 206 -10.56 -3.64 18.84
N GLY A 207 -11.01 -4.87 19.11
CA GLY A 207 -11.91 -5.62 18.24
C GLY A 207 -11.24 -6.18 17.00
N THR A 208 -9.89 -6.27 16.98
CA THR A 208 -9.13 -6.93 15.91
C THR A 208 -8.37 -8.14 16.45
N SER A 209 -8.58 -8.45 17.74
CA SER A 209 -7.93 -9.54 18.45
C SER A 209 -8.19 -10.86 17.71
N SER A 210 -7.09 -11.58 17.42
CA SER A 210 -7.07 -12.97 16.99
C SER A 210 -8.16 -13.81 17.68
N GLU A 211 -8.53 -13.43 18.93
CA GLU A 211 -9.55 -14.10 19.73
C GLU A 211 -10.95 -13.56 19.44
N GLU A 212 -11.06 -12.21 19.31
CA GLU A 212 -12.30 -11.47 19.15
C GLU A 212 -12.87 -11.62 17.74
N ILE A 213 -12.04 -11.43 16.71
CA ILE A 213 -12.38 -11.76 15.32
C ILE A 213 -11.52 -12.96 14.92
N PRO A 214 -11.98 -14.21 15.20
CA PRO A 214 -11.13 -15.40 15.10
C PRO A 214 -10.46 -15.61 13.75
N GLU A 215 -11.22 -15.36 12.67
CA GLU A 215 -10.91 -15.75 11.29
C GLU A 215 -9.82 -14.85 10.71
N PHE A 216 -9.36 -13.86 11.49
CA PHE A 216 -8.19 -13.06 11.17
C PHE A 216 -7.07 -13.38 12.17
N SER A 217 -6.82 -14.68 12.41
CA SER A 217 -5.78 -15.15 13.31
C SER A 217 -4.41 -15.25 12.63
N TRP A 218 -4.40 -15.25 11.28
CA TRP A 218 -3.19 -15.12 10.48
C TRP A 218 -2.51 -13.75 10.65
N ILE A 219 -3.28 -12.72 11.05
CA ILE A 219 -2.75 -11.36 11.19
C ILE A 219 -2.00 -11.24 12.51
N LYS A 220 -0.67 -11.09 12.41
CA LYS A 220 0.13 -10.54 13.50
C LYS A 220 0.07 -9.00 13.41
N PRO A 221 -0.29 -8.29 14.52
CA PRO A 221 -0.30 -6.84 14.56
C PRO A 221 1.10 -6.22 14.46
N CYS A 222 1.51 -5.91 13.24
CA CYS A 222 2.91 -5.81 12.87
C CYS A 222 3.33 -4.36 12.67
N LEU A 223 2.38 -3.43 12.88
CA LEU A 223 2.59 -2.03 12.56
C LEU A 223 2.48 -1.19 13.83
N LYS A 224 3.57 -0.48 14.14
CA LYS A 224 3.56 0.51 15.22
C LYS A 224 3.00 1.81 14.65
N PRO A 225 2.13 2.54 15.41
CA PRO A 225 1.53 3.80 14.95
C PRO A 225 2.50 4.93 14.59
N GLU A 226 3.72 4.87 15.11
CA GLU A 226 4.74 5.83 14.77
C GLU A 226 5.46 5.42 13.48
N ARG A 227 5.04 4.27 12.90
CA ARG A 227 5.65 3.79 11.69
C ARG A 227 4.75 3.94 10.46
N ILE A 228 3.51 4.43 10.66
CA ILE A 228 2.62 4.76 9.55
C ILE A 228 2.57 6.27 9.38
N VAL A 229 2.65 6.74 8.10
CA VAL A 229 2.33 8.09 7.71
C VAL A 229 1.35 8.08 6.54
N TYR A 230 0.36 9.00 6.60
CA TYR A 230 -0.62 9.15 5.55
C TYR A 230 -0.33 10.44 4.77
N ILE A 231 -0.48 10.37 3.44
CA ILE A 231 -0.42 11.51 2.53
C ILE A 231 -1.63 11.44 1.63
N GLY A 232 -2.39 12.55 1.58
CA GLY A 232 -3.39 12.83 0.55
C GLY A 232 -4.81 12.65 1.09
N LEU A 233 -4.92 12.54 2.42
CA LEU A 233 -6.19 12.47 3.14
C LEU A 233 -7.14 13.61 2.80
N ARG A 234 -8.41 13.23 2.50
CA ARG A 234 -9.54 14.12 2.24
C ARG A 234 -10.85 13.64 2.86
N ASP A 235 -11.12 12.32 2.85
CA ASP A 235 -12.43 11.83 3.33
C ASP A 235 -12.28 10.95 4.58
N ILE A 236 -12.49 11.57 5.75
CA ILE A 236 -12.32 10.94 7.06
C ILE A 236 -13.53 11.24 7.96
N ASP A 237 -14.31 10.19 8.21
CA ASP A 237 -15.48 10.16 9.10
C ASP A 237 -15.04 10.28 10.57
N ALA A 238 -16.02 10.59 11.42
CA ALA A 238 -15.84 10.93 12.84
C ALA A 238 -14.94 9.91 13.56
N GLY A 239 -15.28 8.62 13.39
CA GLY A 239 -14.60 7.47 13.97
C GLY A 239 -13.11 7.45 13.65
N GLU A 240 -12.77 7.85 12.43
CA GLU A 240 -11.39 7.77 11.94
C GLU A 240 -10.56 8.92 12.54
N ARG A 241 -11.15 10.12 12.62
CA ARG A 241 -10.44 11.32 13.05
C ARG A 241 -10.15 11.24 14.55
N LYS A 242 -11.02 10.54 15.31
CA LYS A 242 -10.79 10.24 16.72
C LYS A 242 -9.59 9.31 16.85
N ILE A 243 -9.61 8.20 16.09
CA ILE A 243 -8.67 7.09 16.15
C ILE A 243 -7.27 7.58 15.78
N LEU A 244 -7.19 8.45 14.77
CA LEU A 244 -5.94 8.95 14.24
C LEU A 244 -5.23 9.83 15.28
N LYS A 245 -6.02 10.68 15.95
CA LYS A 245 -5.57 11.58 17.01
C LYS A 245 -5.11 10.78 18.24
N ASP A 246 -5.93 9.80 18.67
CA ASP A 246 -5.70 8.96 19.83
C ASP A 246 -4.36 8.24 19.71
N ASN A 247 -4.05 7.75 18.49
CA ASN A 247 -2.96 6.81 18.26
C ASN A 247 -1.71 7.53 17.75
N ASN A 248 -1.75 8.87 17.76
CA ASN A 248 -0.65 9.75 17.41
C ASN A 248 -0.07 9.57 15.99
N ILE A 249 -0.95 9.25 15.03
CA ILE A 249 -0.53 8.92 13.68
C ILE A 249 -0.40 10.24 12.91
N LYS A 250 0.76 10.44 12.26
CA LYS A 250 1.04 11.58 11.40
C LYS A 250 0.23 11.44 10.13
N CYS A 251 -0.58 12.45 9.86
CA CYS A 251 -1.37 12.49 8.64
C CYS A 251 -1.04 13.80 7.96
N PHE A 252 -0.76 13.71 6.65
CA PHE A 252 -0.71 14.86 5.74
C PHE A 252 -1.95 14.84 4.87
N SER A 253 -2.84 15.75 5.14
CA SER A 253 -4.02 15.79 4.30
C SER A 253 -3.67 16.64 3.07
N MET A 254 -4.67 16.79 2.21
CA MET A 254 -4.75 17.68 1.06
C MET A 254 -4.53 19.14 1.48
N PHE A 255 -5.10 19.54 2.62
CA PHE A 255 -4.84 20.84 3.25
C PHE A 255 -3.34 21.07 3.44
N HIS A 256 -2.61 20.10 4.01
CA HIS A 256 -1.16 20.15 4.26
C HIS A 256 -0.38 20.04 2.94
N VAL A 257 -0.91 19.39 1.90
CA VAL A 257 -0.20 19.43 0.63
C VAL A 257 -0.34 20.80 -0.03
N ASP A 258 -1.53 21.41 0.02
CA ASP A 258 -1.75 22.78 -0.40
C ASP A 258 -0.81 23.70 0.39
N LYS A 259 -0.86 23.59 1.70
CA LYS A 259 -0.12 24.44 2.62
C LYS A 259 1.36 24.48 2.25
N TYR A 260 1.98 23.28 2.22
CA TYR A 260 3.42 23.11 2.26
C TYR A 260 3.98 22.76 0.88
N GLY A 261 3.13 22.23 -0.05
CA GLY A 261 3.64 21.60 -1.26
C GLY A 261 4.07 20.17 -0.95
N ILE A 262 4.15 19.35 -2.01
CA ILE A 262 4.40 17.93 -1.89
C ILE A 262 5.88 17.70 -1.52
N GLY A 263 6.79 18.59 -1.90
CA GLY A 263 8.21 18.43 -1.60
C GLY A 263 8.43 18.24 -0.09
N LYS A 264 8.02 19.29 0.60
CA LYS A 264 8.13 19.36 2.04
C LYS A 264 7.23 18.33 2.73
N VAL A 265 6.04 18.08 2.19
CA VAL A 265 5.19 17.04 2.74
C VAL A 265 5.94 15.70 2.82
N VAL A 266 6.52 15.30 1.68
CA VAL A 266 7.18 13.99 1.62
C VAL A 266 8.44 13.99 2.50
N GLU A 267 9.17 15.12 2.50
CA GLU A 267 10.31 15.28 3.38
C GLU A 267 9.92 15.01 4.85
N MET A 268 8.80 15.58 5.28
CA MET A 268 8.36 15.58 6.68
C MET A 268 7.80 14.19 7.07
N ALA A 269 7.18 13.53 6.09
CA ALA A 269 6.70 12.15 6.15
C ALA A 269 7.87 11.22 6.35
N LEU A 270 8.91 11.37 5.53
CA LEU A 270 10.16 10.62 5.66
C LEU A 270 10.77 10.83 7.03
N ASP A 271 10.87 12.09 7.49
CA ASP A 271 11.44 12.38 8.79
C ASP A 271 10.65 11.81 9.96
N HIS A 272 9.32 11.67 9.84
CA HIS A 272 8.55 11.15 10.96
C HIS A 272 8.81 9.64 11.07
N VAL A 273 8.76 8.88 9.97
CA VAL A 273 8.70 7.44 10.10
C VAL A 273 10.10 6.85 9.90
N ASN A 274 11.02 7.65 9.33
CA ASN A 274 12.29 7.17 8.82
C ASN A 274 13.37 8.21 9.08
N PRO A 275 13.47 8.80 10.32
CA PRO A 275 14.29 9.99 10.51
C PRO A 275 15.75 9.77 10.15
N ASP A 276 16.25 8.53 10.22
CA ASP A 276 17.67 8.26 10.02
C ASP A 276 17.93 7.68 8.64
N ARG A 277 16.86 7.46 7.87
CA ARG A 277 16.88 6.88 6.54
C ARG A 277 17.54 5.52 6.59
N THR A 278 17.11 4.71 7.56
CA THR A 278 17.67 3.37 7.70
C THR A 278 16.58 2.31 7.72
N ARG A 279 15.31 2.71 7.70
CA ARG A 279 14.22 1.74 7.65
C ARG A 279 13.87 1.35 6.20
N PRO A 280 13.53 0.06 5.94
CA PRO A 280 12.83 -0.31 4.71
C PRO A 280 11.52 0.46 4.61
N ILE A 281 11.09 0.77 3.38
CA ILE A 281 9.92 1.58 3.08
C ILE A 281 8.91 0.68 2.37
N HIS A 282 7.70 0.67 2.92
CA HIS A 282 6.53 0.11 2.29
C HIS A 282 5.72 1.29 1.80
N LEU A 283 5.71 1.46 0.46
CA LEU A 283 4.87 2.50 -0.17
C LEU A 283 3.53 1.89 -0.57
N SER A 284 2.44 2.22 0.14
CA SER A 284 1.13 1.66 -0.25
C SER A 284 0.26 2.71 -0.96
N PHE A 285 0.22 2.67 -2.29
CA PHE A 285 -0.27 3.82 -3.07
C PHE A 285 -1.62 3.51 -3.71
N ASP A 286 -2.66 4.22 -3.28
CA ASP A 286 -3.95 3.95 -3.85
C ASP A 286 -4.22 5.03 -4.89
N VAL A 287 -4.65 4.60 -6.06
CA VAL A 287 -4.96 5.45 -7.20
C VAL A 287 -6.12 6.42 -6.96
N ASP A 288 -7.07 6.08 -6.06
CA ASP A 288 -8.08 6.99 -5.54
C ASP A 288 -7.47 8.28 -4.93
N ALA A 289 -6.16 8.32 -4.64
CA ALA A 289 -5.61 9.58 -4.15
C ALA A 289 -5.43 10.63 -5.25
N LEU A 290 -5.45 10.19 -6.53
CA LEU A 290 -5.20 11.04 -7.68
C LEU A 290 -6.54 11.63 -8.14
N ASP A 291 -6.50 12.89 -8.58
CA ASP A 291 -7.74 13.64 -8.69
C ASP A 291 -8.70 12.90 -9.63
N PRO A 292 -10.05 13.00 -9.49
CA PRO A 292 -10.98 12.63 -10.56
C PRO A 292 -10.49 12.86 -12.01
N SER A 293 -9.98 14.07 -12.29
CA SER A 293 -9.38 14.46 -13.56
C SER A 293 -8.14 13.62 -13.92
N VAL A 294 -7.50 13.02 -12.92
CA VAL A 294 -6.32 12.18 -13.07
C VAL A 294 -6.80 10.71 -12.92
N VAL A 302 -14.97 19.77 -7.98
CA VAL A 302 -13.94 19.56 -6.95
C VAL A 302 -12.75 18.81 -7.54
N ARG A 303 -11.73 19.59 -7.90
CA ARG A 303 -10.41 19.10 -8.23
C ARG A 303 -9.58 19.04 -6.94
N GLY A 304 -9.93 18.08 -6.04
CA GLY A 304 -9.45 18.00 -4.66
C GLY A 304 -8.40 16.91 -4.39
N GLY A 305 -8.02 16.09 -5.38
CA GLY A 305 -7.01 15.07 -5.13
C GLY A 305 -5.59 15.48 -5.57
N LEU A 306 -4.58 14.65 -5.26
CA LEU A 306 -3.24 14.74 -5.83
C LEU A 306 -3.26 15.01 -7.37
N THR A 307 -2.30 15.78 -7.92
CA THR A 307 -2.09 15.77 -9.37
C THR A 307 -1.32 14.47 -9.67
N PHE A 308 -1.32 14.09 -10.95
CA PHE A 308 -0.40 13.10 -11.44
C PHE A 308 1.05 13.42 -11.04
N ARG A 309 1.46 14.70 -11.16
CA ARG A 309 2.80 15.16 -10.84
C ARG A 309 3.13 14.89 -9.37
N GLU A 310 2.22 15.19 -8.45
CA GLU A 310 2.40 14.95 -7.03
C GLU A 310 2.46 13.46 -6.73
N GLY A 311 1.57 12.65 -7.32
CA GLY A 311 1.66 11.22 -7.07
C GLY A 311 2.98 10.64 -7.61
N HIS A 312 3.40 11.09 -8.81
CA HIS A 312 4.69 10.70 -9.38
C HIS A 312 5.89 11.13 -8.51
N TYR A 313 5.84 12.37 -7.98
CA TYR A 313 6.86 12.89 -7.08
C TYR A 313 7.01 12.05 -5.79
N ILE A 314 5.89 11.62 -5.20
CA ILE A 314 5.95 10.72 -4.07
C ILE A 314 6.83 9.51 -4.42
N CYS A 315 6.59 8.92 -5.62
CA CYS A 315 7.26 7.71 -6.11
C CYS A 315 8.74 7.97 -6.40
N GLU A 316 9.06 9.14 -7.01
CA GLU A 316 10.44 9.49 -7.30
C GLU A 316 11.18 9.76 -6.00
N ALA A 317 10.55 10.48 -5.06
CA ALA A 317 11.18 10.89 -3.81
C ALA A 317 11.58 9.67 -2.97
N ILE A 318 10.69 8.71 -2.91
CA ILE A 318 10.91 7.47 -2.19
C ILE A 318 11.92 6.60 -2.96
N ALA A 319 11.85 6.61 -4.31
CA ALA A 319 12.84 5.87 -5.10
C ALA A 319 14.24 6.40 -4.81
N GLU A 320 14.40 7.72 -4.64
CA GLU A 320 15.74 8.26 -4.43
C GLU A 320 16.39 7.81 -3.11
N THR A 321 15.60 7.45 -2.08
CA THR A 321 16.18 7.03 -0.79
C THR A 321 16.93 5.71 -0.91
N ASN A 322 16.49 4.85 -1.84
CA ASN A 322 16.98 3.48 -2.02
C ASN A 322 16.47 2.52 -0.94
N LEU A 323 15.45 2.94 -0.18
CA LEU A 323 14.91 2.24 0.99
C LEU A 323 13.68 1.43 0.64
N LEU A 324 13.09 1.58 -0.58
CA LEU A 324 11.86 0.87 -0.95
C LEU A 324 12.13 -0.61 -1.19
N VAL A 325 11.31 -1.45 -0.56
CA VAL A 325 11.28 -2.90 -0.63
C VAL A 325 9.91 -3.37 -1.12
N SER A 326 8.88 -2.55 -0.90
CA SER A 326 7.56 -3.02 -1.22
C SER A 326 6.68 -1.87 -1.67
N LEU A 327 6.02 -2.08 -2.82
CA LEU A 327 5.17 -1.08 -3.48
C LEU A 327 3.80 -1.69 -3.72
N ASP A 328 2.76 -0.99 -3.26
CA ASP A 328 1.41 -1.36 -3.71
C ASP A 328 0.86 -0.28 -4.66
N ILE A 329 0.19 -0.72 -5.71
CA ILE A 329 -0.55 0.20 -6.55
C ILE A 329 -1.98 -0.33 -6.54
N MET A 330 -2.89 0.32 -5.82
CA MET A 330 -4.20 -0.25 -5.54
C MET A 330 -5.29 0.54 -6.27
N GLU A 331 -6.44 -0.10 -6.53
CA GLU A 331 -7.63 0.49 -7.10
C GLU A 331 -7.36 1.07 -8.49
N ILE A 332 -6.54 0.36 -9.30
CA ILE A 332 -6.34 0.67 -10.71
C ILE A 332 -7.64 0.31 -11.45
N ASN A 333 -8.28 1.27 -12.12
CA ASN A 333 -9.46 0.97 -12.94
C ASN A 333 -9.23 1.30 -14.42
N PRO A 334 -9.78 0.48 -15.37
CA PRO A 334 -10.01 0.95 -16.74
C PRO A 334 -11.25 1.83 -16.90
N ALA A 343 -12.04 6.60 -17.57
CA ALA A 343 -10.71 7.03 -17.05
C ALA A 343 -9.63 5.99 -17.36
N GLN A 344 -8.36 6.44 -17.31
CA GLN A 344 -7.20 5.67 -17.68
C GLN A 344 -6.20 5.65 -16.55
N THR A 345 -6.47 4.77 -15.57
CA THR A 345 -5.45 4.62 -14.55
C THR A 345 -4.36 3.61 -14.95
N VAL A 346 -4.36 3.11 -16.19
CA VAL A 346 -3.37 2.13 -16.61
C VAL A 346 -2.04 2.82 -16.94
N ASP A 347 -2.04 3.86 -17.77
CA ASP A 347 -0.83 4.63 -18.03
C ASP A 347 -0.32 5.31 -16.76
N VAL A 348 -1.25 5.74 -15.91
CA VAL A 348 -0.88 6.35 -14.66
C VAL A 348 -0.17 5.28 -13.83
N GLY A 349 -0.76 4.08 -13.68
CA GLY A 349 -0.25 3.05 -12.74
C GLY A 349 1.15 2.55 -13.14
N ARG A 350 1.37 2.45 -14.45
CA ARG A 350 2.60 2.04 -15.10
C ARG A 350 3.66 3.09 -14.89
N SER A 351 3.28 4.36 -15.09
CA SER A 351 4.22 5.43 -14.89
C SER A 351 4.76 5.41 -13.46
N LEU A 352 3.87 5.26 -12.44
CA LEU A 352 4.18 5.31 -11.02
C LEU A 352 5.10 4.15 -10.65
N VAL A 353 4.81 2.95 -11.18
CA VAL A 353 5.67 1.80 -10.92
C VAL A 353 7.09 2.09 -11.44
N ARG A 354 7.20 2.55 -12.71
CA ARG A 354 8.49 2.71 -13.37
C ARG A 354 9.36 3.63 -12.54
N CYS A 355 8.74 4.71 -12.08
CA CYS A 355 9.27 5.73 -11.22
C CYS A 355 9.67 5.21 -9.82
N ALA A 356 8.78 4.45 -9.17
CA ALA A 356 9.06 3.84 -7.86
C ALA A 356 10.28 2.92 -7.92
N LEU A 357 10.49 2.33 -9.10
CA LEU A 357 11.53 1.34 -9.33
C LEU A 357 12.87 1.95 -9.77
N GLY A 358 12.90 3.26 -10.03
CA GLY A 358 14.18 3.93 -10.23
C GLY A 358 14.38 4.54 -11.61
N GLU A 359 13.27 4.74 -12.37
CA GLU A 359 13.26 5.63 -13.53
C GLU A 359 13.39 7.08 -13.05
N THR A 360 14.57 7.68 -13.32
CA THR A 360 14.85 9.11 -13.26
C THR A 360 14.69 9.72 -14.66
N LEU A 361 14.19 10.98 -14.66
CA LEU A 361 14.29 11.94 -15.75
C LEU A 361 15.73 12.42 -15.90
N LEU A 362 16.41 12.63 -14.74
CA LEU A 362 17.78 13.11 -14.60
C LEU A 362 18.78 11.92 -14.63
#